data_4L3R
#
_entry.id   4L3R
#
_cell.length_a   57.892
_cell.length_b   59.174
_cell.length_c   102.308
_cell.angle_alpha   90.000
_cell.angle_beta   90.000
_cell.angle_gamma   90.000
#
_symmetry.space_group_name_H-M   'P 21 21 21'
#
loop_
_entity.id
_entity.type
_entity.pdbx_description
1 polymer 'Uncharacterized protein'
2 water water
#
_entity_poly.entity_id   1
_entity_poly.type   'polypeptide(L)'
_entity_poly.pdbx_seq_one_letter_code
;GNEDDV(MSE)EIFNDKTWKLSRITTEKGKEQFYQGLWSNEAEEKASRELLKITENFTLNFNCADVNGEVTGTVSAHAVK
ANISDAILKIDGKEHTISISGKAYGSESDKLAKVFISGLFNVFKYEGDVHNLTLYFKDGNTTKV(MSE)GFTAR
;
_entity_poly.pdbx_strand_id   A,B
#
# COMPACT_ATOMS: atom_id res chain seq x y z
N ASP A 4 11.85 0.22 3.71
CA ASP A 4 11.70 -0.22 5.09
C ASP A 4 11.15 0.93 5.95
N ASP A 5 11.97 1.99 6.17
CA ASP A 5 11.55 3.16 6.94
C ASP A 5 10.35 3.87 6.31
N VAL A 6 10.28 3.88 4.96
CA VAL A 6 9.22 4.54 4.20
C VAL A 6 7.86 3.92 4.48
N MSE A 7 7.76 2.58 4.45
CA MSE A 7 6.46 1.93 4.64
CA MSE A 7 6.53 1.80 4.69
C MSE A 7 5.91 2.08 6.08
O MSE A 7 4.72 1.90 6.26
CB MSE A 7 6.48 0.45 4.18
CB MSE A 7 6.82 0.27 4.57
CG MSE A 7 5.65 0.21 2.91
CG MSE A 7 5.58 -0.60 4.41
SE MSE A 7 5.88 1.54 1.46
SE MSE A 7 5.93 -2.51 4.53
CE MSE A 7 7.71 1.34 1.22
CE MSE A 7 4.17 -3.07 5.18
N GLU A 8 6.75 2.51 7.06
CA GLU A 8 6.23 2.79 8.41
C GLU A 8 5.40 4.09 8.42
N ILE A 9 5.58 4.97 7.41
CA ILE A 9 4.81 6.22 7.27
C ILE A 9 3.35 5.88 6.84
N PHE A 10 3.16 4.73 6.17
CA PHE A 10 1.88 4.20 5.69
C PHE A 10 1.23 3.21 6.69
N ASN A 11 1.95 2.77 7.73
CA ASN A 11 1.48 1.72 8.64
C ASN A 11 0.37 2.17 9.62
N ASP A 12 -0.90 2.00 9.19
CA ASP A 12 -2.14 2.22 9.96
C ASP A 12 -2.02 3.40 10.91
N LYS A 13 -1.81 4.58 10.35
CA LYS A 13 -1.66 5.79 11.15
C LYS A 13 -2.10 7.02 10.39
N THR A 14 -2.58 8.02 11.13
CA THR A 14 -2.97 9.32 10.60
C THR A 14 -2.01 10.31 11.19
N TRP A 15 -1.40 11.16 10.35
CA TRP A 15 -0.46 12.20 10.78
C TRP A 15 -1.24 13.46 11.10
N LYS A 16 -1.11 13.97 12.33
CA LYS A 16 -1.81 15.17 12.79
C LYS A 16 -0.82 16.32 12.85
N LEU A 17 -1.15 17.46 12.22
CA LEU A 17 -0.29 18.64 12.22
C LEU A 17 -0.06 19.15 13.64
N SER A 18 1.22 19.38 14.00
CA SER A 18 1.61 19.92 15.32
C SER A 18 2.30 21.30 15.21
N ARG A 19 2.86 21.66 14.03
CA ARG A 19 3.57 22.93 13.88
C ARG A 19 3.89 23.23 12.42
N ILE A 20 4.05 24.53 12.09
CA ILE A 20 4.49 25.02 10.78
C ILE A 20 5.47 26.15 11.09
N THR A 21 6.77 25.89 11.02
CA THR A 21 7.77 26.86 11.43
C THR A 21 8.94 26.93 10.46
N THR A 22 9.96 27.74 10.80
CA THR A 22 11.15 27.92 9.97
C THR A 22 12.03 26.68 10.07
N GLU A 23 12.99 26.55 9.13
CA GLU A 23 13.86 25.37 9.00
C GLU A 23 14.43 24.87 10.35
N LYS A 24 15.01 25.76 11.18
CA LYS A 24 15.59 25.38 12.48
C LYS A 24 14.95 26.15 13.66
N GLY A 25 13.71 26.59 13.50
CA GLY A 25 13.00 27.34 14.53
C GLY A 25 12.43 26.46 15.63
N LYS A 26 12.41 26.98 16.87
CA LYS A 26 11.88 26.27 18.05
C LYS A 26 10.39 26.63 18.29
N GLU A 27 9.90 27.74 17.71
CA GLU A 27 8.51 28.18 17.83
C GLU A 27 7.54 27.23 17.09
N GLN A 28 6.27 27.17 17.54
CA GLN A 28 5.26 26.31 16.92
C GLN A 28 4.86 26.83 15.54
N PHE A 29 4.60 28.14 15.42
CA PHE A 29 4.22 28.75 14.15
C PHE A 29 5.15 29.90 13.82
N TYR A 30 5.60 29.99 12.55
CA TYR A 30 6.52 31.07 12.13
C TYR A 30 5.87 32.44 12.27
N GLN A 31 6.70 33.49 12.51
CA GLN A 31 6.17 34.82 12.70
C GLN A 31 5.63 35.36 11.36
N GLY A 32 4.44 35.94 11.41
CA GLY A 32 3.74 36.49 10.26
C GLY A 32 2.74 35.55 9.59
N LEU A 33 2.47 34.38 10.21
CA LEU A 33 1.49 33.42 9.67
C LEU A 33 0.09 34.06 9.75
N TRP A 34 -0.22 34.70 10.89
CA TRP A 34 -1.45 35.46 11.12
C TRP A 34 -1.13 36.95 11.24
N SER A 35 -2.15 37.82 11.14
CA SER A 35 -2.00 39.29 11.26
C SER A 35 -2.40 39.81 12.65
N ASN A 36 -3.17 39.03 13.44
CA ASN A 36 -3.63 39.49 14.75
C ASN A 36 -3.94 38.29 15.65
N GLU A 37 -4.19 38.55 16.95
CA GLU A 37 -4.45 37.51 17.95
C GLU A 37 -5.76 36.73 17.69
N ALA A 38 -6.82 37.40 17.18
CA ALA A 38 -8.10 36.75 16.90
C ALA A 38 -7.98 35.73 15.77
N GLU A 39 -7.22 36.06 14.71
CA GLU A 39 -7.00 35.11 13.61
C GLU A 39 -6.29 33.84 14.12
N GLU A 40 -5.22 34.02 14.91
CA GLU A 40 -4.46 32.89 15.48
C GLU A 40 -5.34 32.05 16.39
N LYS A 41 -6.12 32.70 17.27
CA LYS A 41 -7.04 32.03 18.21
C LYS A 41 -8.04 31.16 17.43
N ALA A 42 -8.67 31.70 16.38
CA ALA A 42 -9.65 30.99 15.55
C ALA A 42 -9.01 29.78 14.83
N SER A 43 -7.75 29.91 14.38
CA SER A 43 -7.02 28.81 13.75
C SER A 43 -6.72 27.72 14.76
N ARG A 44 -6.32 28.11 15.98
CA ARG A 44 -6.00 27.14 17.04
C ARG A 44 -7.23 26.36 17.47
N GLU A 45 -8.43 26.96 17.39
CA GLU A 45 -9.68 26.24 17.72
C GLU A 45 -10.00 25.23 16.62
N LEU A 46 -9.76 25.59 15.34
CA LEU A 46 -9.96 24.66 14.22
C LEU A 46 -8.92 23.53 14.28
N LEU A 47 -7.70 23.81 14.78
CA LEU A 47 -6.65 22.80 14.92
C LEU A 47 -6.97 21.79 16.03
N LYS A 48 -7.74 22.18 17.07
CA LYS A 48 -8.14 21.24 18.16
C LYS A 48 -9.10 20.15 17.64
N ILE A 49 -9.84 20.41 16.55
CA ILE A 49 -10.78 19.42 15.99
C ILE A 49 -9.95 18.25 15.45
N THR A 50 -10.27 17.02 15.88
CA THR A 50 -9.54 15.80 15.54
C THR A 50 -9.32 15.60 14.04
N GLU A 51 -10.39 15.68 13.25
CA GLU A 51 -10.35 15.44 11.80
C GLU A 51 -9.66 16.56 10.99
N ASN A 52 -9.42 17.75 11.57
CA ASN A 52 -8.77 18.86 10.84
C ASN A 52 -7.25 18.77 10.87
N PHE A 53 -6.61 19.22 9.77
CA PHE A 53 -5.16 19.26 9.55
C PHE A 53 -4.54 17.86 9.72
N THR A 54 -5.10 16.88 9.00
CA THR A 54 -4.62 15.50 9.01
C THR A 54 -3.91 15.19 7.68
N LEU A 55 -3.05 14.17 7.70
CA LEU A 55 -2.29 13.72 6.53
C LEU A 55 -2.21 12.19 6.57
N ASN A 56 -2.49 11.54 5.44
CA ASN A 56 -2.50 10.08 5.36
C ASN A 56 -1.75 9.60 4.13
N PHE A 57 -0.84 8.66 4.33
CA PHE A 57 -0.10 7.98 3.25
C PHE A 57 -0.81 6.66 3.07
N ASN A 58 -1.48 6.47 1.93
CA ASN A 58 -2.24 5.23 1.69
C ASN A 58 -1.88 4.59 0.37
N CYS A 59 -2.27 3.33 0.19
CA CYS A 59 -2.13 2.62 -1.08
C CYS A 59 -3.51 2.53 -1.69
N ALA A 60 -3.62 2.78 -3.00
CA ALA A 60 -4.91 2.82 -3.69
C ALA A 60 -4.81 2.24 -5.09
N ASP A 61 -5.91 1.65 -5.58
CA ASP A 61 -5.98 1.09 -6.93
C ASP A 61 -6.34 2.22 -7.90
N VAL A 62 -5.31 2.81 -8.51
CA VAL A 62 -5.43 3.92 -9.45
C VAL A 62 -5.22 3.39 -10.87
N ASN A 63 -6.29 3.33 -11.67
CA ASN A 63 -6.25 2.90 -13.07
C ASN A 63 -5.57 1.52 -13.26
N GLY A 64 -6.17 0.47 -12.68
CA GLY A 64 -5.71 -0.90 -12.84
C GLY A 64 -4.41 -1.32 -12.18
N GLU A 65 -3.84 -0.50 -11.28
CA GLU A 65 -2.61 -0.83 -10.57
C GLU A 65 -2.59 -0.11 -9.22
N VAL A 66 -1.98 -0.73 -8.19
CA VAL A 66 -1.96 -0.16 -6.85
C VAL A 66 -0.72 0.74 -6.68
N THR A 67 -0.95 2.00 -6.28
CA THR A 67 0.09 3.00 -6.09
C THR A 67 -0.02 3.66 -4.71
N GLY A 68 1.10 4.09 -4.16
CA GLY A 68 1.13 4.82 -2.90
C GLY A 68 0.80 6.27 -3.19
N THR A 69 -0.15 6.84 -2.44
CA THR A 69 -0.61 8.22 -2.65
C THR A 69 -0.69 8.97 -1.33
N VAL A 70 -0.94 10.28 -1.41
CA VAL A 70 -1.11 11.15 -0.24
C VAL A 70 -2.51 11.72 -0.25
N SER A 71 -3.13 11.72 0.93
CA SER A 71 -4.42 12.36 1.18
C SER A 71 -4.27 13.27 2.38
N ALA A 72 -4.96 14.41 2.38
CA ALA A 72 -4.89 15.33 3.50
C ALA A 72 -6.18 16.10 3.63
N HIS A 73 -6.50 16.50 4.84
CA HIS A 73 -7.67 17.30 5.11
C HIS A 73 -7.25 18.47 5.97
N ALA A 74 -7.51 19.70 5.51
CA ALA A 74 -7.21 20.91 6.27
C ALA A 74 -8.47 21.26 7.09
N VAL A 75 -9.37 22.12 6.58
CA VAL A 75 -10.61 22.47 7.29
C VAL A 75 -11.76 22.24 6.30
N LYS A 76 -11.88 23.11 5.29
CA LYS A 76 -12.90 22.98 4.25
C LYS A 76 -12.34 22.32 2.97
N ALA A 77 -11.00 22.23 2.81
CA ALA A 77 -10.39 21.66 1.60
C ALA A 77 -9.75 20.30 1.87
N ASN A 78 -9.72 19.47 0.81
CA ASN A 78 -9.14 18.13 0.83
C ASN A 78 -8.15 17.92 -0.29
N ILE A 79 -7.15 17.09 -0.03
CA ILE A 79 -6.21 16.57 -1.02
C ILE A 79 -6.56 15.07 -1.08
N SER A 80 -6.96 14.57 -2.24
CA SER A 80 -7.39 13.16 -2.38
C SER A 80 -6.53 12.41 -3.37
N ASP A 81 -5.76 11.43 -2.87
CA ASP A 81 -4.88 10.56 -3.64
C ASP A 81 -3.99 11.38 -4.57
N ALA A 82 -3.26 12.34 -4.00
CA ALA A 82 -2.29 13.12 -4.75
C ALA A 82 -1.12 12.20 -5.18
N ILE A 83 -0.51 12.46 -6.35
CA ILE A 83 0.59 11.64 -6.86
C ILE A 83 1.79 11.85 -5.96
N LEU A 84 2.34 10.74 -5.42
CA LEU A 84 3.45 10.77 -4.49
C LEU A 84 4.73 10.17 -5.09
N LYS A 85 5.86 10.87 -4.87
CA LYS A 85 7.21 10.42 -5.17
C LYS A 85 7.91 10.45 -3.82
N ILE A 86 8.50 9.36 -3.40
CA ILE A 86 9.18 9.32 -2.11
C ILE A 86 10.37 8.40 -2.23
N ASP A 87 11.50 8.81 -1.65
CA ASP A 87 12.74 8.03 -1.72
C ASP A 87 13.30 7.87 -0.32
N GLY A 88 13.23 6.66 0.21
CA GLY A 88 13.73 6.33 1.54
C GLY A 88 15.23 6.48 1.72
N LYS A 89 16.01 6.32 0.63
CA LYS A 89 17.47 6.43 0.69
C LYS A 89 17.89 7.89 0.89
N GLU A 90 17.52 8.75 -0.08
CA GLU A 90 17.89 10.16 -0.03
C GLU A 90 16.87 11.03 0.75
N HIS A 91 15.80 10.42 1.33
CA HIS A 91 14.79 11.10 2.16
C HIS A 91 14.15 12.29 1.41
N THR A 92 13.86 12.12 0.10
CA THR A 92 13.18 13.12 -0.70
C THR A 92 11.70 12.79 -0.78
N ILE A 93 10.88 13.78 -1.11
CA ILE A 93 9.44 13.58 -1.23
C ILE A 93 8.86 14.66 -2.14
N SER A 94 7.87 14.31 -2.95
CA SER A 94 7.18 15.26 -3.82
C SER A 94 5.69 14.87 -3.86
N ILE A 95 4.79 15.85 -3.67
CA ILE A 95 3.34 15.66 -3.70
C ILE A 95 2.81 16.53 -4.83
N SER A 96 2.10 15.93 -5.80
CA SER A 96 1.58 16.65 -6.97
C SER A 96 0.07 16.48 -7.09
N GLY A 97 -0.60 17.55 -7.51
CA GLY A 97 -2.04 17.57 -7.71
C GLY A 97 -2.64 18.90 -7.31
N LYS A 98 -3.94 18.91 -7.04
CA LYS A 98 -4.66 20.12 -6.62
C LYS A 98 -5.66 19.78 -5.55
N ALA A 99 -5.88 20.72 -4.63
CA ALA A 99 -6.83 20.54 -3.55
C ALA A 99 -8.26 20.73 -4.04
N TYR A 100 -9.21 20.04 -3.41
CA TYR A 100 -10.64 20.18 -3.72
C TYR A 100 -11.22 21.06 -2.64
N GLY A 101 -11.84 22.17 -3.04
CA GLY A 101 -12.41 23.13 -2.09
C GLY A 101 -11.46 24.27 -1.81
N SER A 102 -12.00 25.37 -1.31
CA SER A 102 -11.25 26.59 -1.01
C SER A 102 -11.15 26.81 0.49
N GLU A 103 -10.06 27.46 0.95
CA GLU A 103 -9.88 27.76 2.37
C GLU A 103 -9.93 29.27 2.63
N SER A 104 -10.53 29.66 3.77
CA SER A 104 -10.54 31.04 4.24
C SER A 104 -9.54 31.21 5.39
N ASP A 105 -9.33 30.17 6.21
CA ASP A 105 -8.41 30.20 7.34
C ASP A 105 -6.96 30.24 6.87
N LYS A 106 -6.15 31.17 7.43
CA LYS A 106 -4.74 31.32 7.03
C LYS A 106 -3.90 30.07 7.33
N LEU A 107 -4.13 29.38 8.46
CA LEU A 107 -3.38 28.16 8.76
C LEU A 107 -3.71 27.07 7.73
N ALA A 108 -4.99 26.96 7.34
CA ALA A 108 -5.46 25.99 6.34
C ALA A 108 -4.87 26.30 4.95
N LYS A 109 -4.76 27.59 4.59
CA LYS A 109 -4.16 27.99 3.30
C LYS A 109 -2.67 27.61 3.25
N VAL A 110 -1.94 27.88 4.34
CA VAL A 110 -0.52 27.56 4.47
C VAL A 110 -0.31 26.03 4.43
N PHE A 111 -1.16 25.27 5.13
CA PHE A 111 -1.09 23.80 5.18
C PHE A 111 -1.24 23.19 3.78
N ILE A 112 -2.29 23.59 3.04
CA ILE A 112 -2.57 23.05 1.70
C ILE A 112 -1.46 23.45 0.70
N SER A 113 -1.06 24.73 0.66
CA SER A 113 0.01 25.18 -0.25
C SER A 113 1.34 24.51 0.05
N GLY A 114 1.68 24.42 1.33
CA GLY A 114 2.92 23.82 1.79
C GLY A 114 3.07 22.37 1.41
N LEU A 115 1.97 21.59 1.45
CA LEU A 115 2.02 20.16 1.11
C LEU A 115 2.41 19.94 -0.35
N PHE A 116 1.94 20.77 -1.28
CA PHE A 116 2.31 20.62 -2.69
C PHE A 116 3.73 21.13 -2.99
N ASN A 117 4.37 21.84 -2.04
CA ASN A 117 5.74 22.36 -2.19
C ASN A 117 6.75 21.57 -1.35
N VAL A 118 6.39 20.37 -0.82
CA VAL A 118 7.37 19.57 -0.07
C VAL A 118 8.47 19.08 -1.02
N PHE A 119 9.70 18.98 -0.53
CA PHE A 119 10.84 18.49 -1.33
C PHE A 119 11.65 17.39 -0.59
N LYS A 120 11.69 17.41 0.77
CA LYS A 120 12.41 16.38 1.54
C LYS A 120 11.73 16.21 2.90
N TYR A 121 12.12 15.15 3.64
CA TYR A 121 11.50 14.85 4.93
C TYR A 121 12.44 14.10 5.86
N GLU A 122 11.97 13.91 7.09
CA GLU A 122 12.61 13.07 8.10
C GLU A 122 11.51 12.66 9.08
N GLY A 123 11.68 11.50 9.72
CA GLY A 123 10.69 11.01 10.66
C GLY A 123 10.99 9.66 11.26
N ASP A 124 10.18 9.30 12.27
CA ASP A 124 10.26 8.04 12.99
C ASP A 124 8.83 7.47 13.12
N VAL A 125 8.58 6.55 14.06
CA VAL A 125 7.28 5.89 14.22
C VAL A 125 6.19 6.91 14.61
N HIS A 126 6.51 7.86 15.51
CA HIS A 126 5.53 8.83 16.01
C HIS A 126 5.67 10.25 15.45
N ASN A 127 6.79 10.61 14.81
CA ASN A 127 6.98 11.98 14.30
C ASN A 127 7.33 12.00 12.81
N LEU A 128 6.85 13.03 12.11
CA LEU A 128 7.12 13.26 10.68
C LEU A 128 7.35 14.75 10.47
N THR A 129 8.45 15.10 9.79
CA THR A 129 8.79 16.48 9.49
C THR A 129 8.92 16.60 7.98
N LEU A 130 8.13 17.50 7.36
CA LEU A 130 8.17 17.74 5.92
C LEU A 130 8.76 19.11 5.65
N TYR A 131 9.79 19.16 4.80
CA TYR A 131 10.44 20.40 4.41
C TYR A 131 9.80 20.87 3.13
N PHE A 132 9.40 22.15 3.06
CA PHE A 132 8.78 22.70 1.86
C PHE A 132 9.32 24.08 1.56
N LYS A 133 9.29 24.47 0.28
CA LYS A 133 9.76 25.79 -0.13
C LYS A 133 8.59 26.77 -0.20
N ASP A 134 8.75 27.93 0.46
CA ASP A 134 7.76 29.02 0.49
C ASP A 134 8.47 30.23 -0.10
N GLY A 135 8.44 30.32 -1.44
CA GLY A 135 9.16 31.35 -2.16
C GLY A 135 10.65 31.06 -2.12
N ASN A 136 11.45 32.02 -1.62
CA ASN A 136 12.90 31.84 -1.48
C ASN A 136 13.29 31.19 -0.12
N THR A 137 12.31 30.94 0.78
CA THR A 137 12.57 30.35 2.10
C THR A 137 12.24 28.86 2.13
N THR A 138 12.71 28.19 3.20
CA THR A 138 12.46 26.78 3.48
C THR A 138 11.83 26.69 4.85
N LYS A 139 10.59 26.17 4.93
CA LYS A 139 9.85 26.00 6.18
C LYS A 139 9.63 24.52 6.44
N VAL A 140 9.12 24.18 7.63
CA VAL A 140 8.87 22.79 7.99
C VAL A 140 7.49 22.64 8.59
N MSE A 141 6.80 21.56 8.22
CA MSE A 141 5.52 21.15 8.78
C MSE A 141 5.78 19.94 9.64
O MSE A 141 6.28 18.95 9.11
CB MSE A 141 4.51 20.79 7.70
CG MSE A 141 3.82 21.94 7.04
SE MSE A 141 2.53 21.23 5.76
CE MSE A 141 3.81 20.86 4.38
N GLY A 142 5.49 20.01 10.93
CA GLY A 142 5.69 18.89 11.84
C GLY A 142 4.38 18.17 12.07
N PHE A 143 4.42 16.83 12.16
CA PHE A 143 3.25 16.00 12.42
C PHE A 143 3.52 14.98 13.51
N THR A 144 2.45 14.49 14.14
CA THR A 144 2.51 13.43 15.16
C THR A 144 1.48 12.34 14.81
N ALA A 145 1.80 11.08 15.15
CA ALA A 145 0.93 9.93 14.95
C ALA A 145 0.81 9.19 16.27
N ARG A 146 -0.42 8.95 16.75
CA ARG A 146 -0.62 8.24 18.03
C ARG A 146 -0.34 6.74 17.87
N GLU B 3 -13.50 0.73 -3.97
CA GLU B 3 -12.20 0.12 -4.23
C GLU B 3 -11.52 -0.40 -2.92
N ASP B 4 -12.23 -0.40 -1.77
CA ASP B 4 -11.69 -0.90 -0.50
C ASP B 4 -11.59 -2.44 -0.53
N ASP B 5 -12.35 -3.13 -1.42
CA ASP B 5 -12.27 -4.59 -1.57
C ASP B 5 -10.86 -5.00 -1.99
N VAL B 6 -10.22 -4.19 -2.88
CA VAL B 6 -8.86 -4.44 -3.37
C VAL B 6 -7.84 -4.21 -2.25
N MSE B 7 -7.99 -3.11 -1.47
CA MSE B 7 -6.99 -2.84 -0.44
CA MSE B 7 -7.10 -2.74 -0.36
C MSE B 7 -7.17 -3.74 0.79
O MSE B 7 -6.25 -3.83 1.58
CB MSE B 7 -6.94 -1.35 -0.06
CB MSE B 7 -7.47 -1.32 0.15
CG MSE B 7 -5.68 -0.65 -0.61
CG MSE B 7 -6.44 -0.70 1.12
SE MSE B 7 -5.22 -1.01 -2.50
SE MSE B 7 -6.93 1.10 1.74
CE MSE B 7 -6.90 -0.42 -3.22
CE MSE B 7 -5.29 1.53 2.71
N GLU B 8 -8.29 -4.50 0.89
CA GLU B 8 -8.44 -5.47 1.96
C GLU B 8 -7.54 -6.70 1.68
N ILE B 9 -7.10 -6.89 0.41
CA ILE B 9 -6.20 -7.97 0.01
C ILE B 9 -4.75 -7.65 0.51
N PHE B 10 -4.40 -6.35 0.60
CA PHE B 10 -3.09 -5.86 1.08
C PHE B 10 -3.05 -5.60 2.60
N ASN B 11 -4.22 -5.56 3.26
CA ASN B 11 -4.34 -5.17 4.67
C ASN B 11 -3.76 -6.18 5.68
N ASP B 12 -2.45 -6.03 5.97
CA ASP B 12 -1.69 -6.78 6.98
C ASP B 12 -2.12 -8.26 7.05
N LYS B 13 -1.84 -9.02 5.98
CA LYS B 13 -2.24 -10.42 5.94
C LYS B 13 -1.42 -11.23 4.95
N THR B 14 -1.18 -12.50 5.31
CA THR B 14 -0.49 -13.47 4.48
C THR B 14 -1.54 -14.46 4.02
N TRP B 15 -1.67 -14.63 2.70
CA TRP B 15 -2.62 -15.57 2.10
C TRP B 15 -1.97 -16.94 2.07
N LYS B 16 -2.60 -17.95 2.69
CA LYS B 16 -2.09 -19.31 2.75
C LYS B 16 -2.88 -20.18 1.79
N LEU B 17 -2.18 -20.93 0.91
CA LEU B 17 -2.82 -21.82 -0.04
C LEU B 17 -3.65 -22.89 0.66
N SER B 18 -4.91 -23.06 0.23
CA SER B 18 -5.82 -24.07 0.78
C SER B 18 -6.25 -25.11 -0.28
N ARG B 19 -6.15 -24.79 -1.59
CA ARG B 19 -6.59 -25.71 -2.65
C ARG B 19 -6.16 -25.24 -4.03
N ILE B 20 -6.01 -26.19 -4.98
CA ILE B 20 -5.74 -25.93 -6.40
C ILE B 20 -6.64 -26.89 -7.16
N THR B 21 -7.77 -26.42 -7.67
CA THR B 21 -8.76 -27.31 -8.29
C THR B 21 -9.32 -26.72 -9.58
N THR B 22 -10.29 -27.42 -10.18
CA THR B 22 -10.95 -27.01 -11.41
C THR B 22 -11.89 -25.83 -11.14
N GLU B 23 -12.30 -25.13 -12.20
CA GLU B 23 -13.12 -23.92 -12.11
C GLU B 23 -14.29 -24.03 -11.11
N LYS B 24 -15.11 -25.08 -11.19
CA LYS B 24 -16.26 -25.28 -10.30
C LYS B 24 -16.17 -26.60 -9.50
N GLY B 25 -14.98 -27.11 -9.29
CA GLY B 25 -14.76 -28.36 -8.55
C GLY B 25 -14.86 -28.20 -7.04
N LYS B 26 -15.37 -29.25 -6.37
CA LYS B 26 -15.52 -29.27 -4.91
C LYS B 26 -14.29 -29.93 -4.22
N GLU B 27 -13.48 -30.70 -4.99
CA GLU B 27 -12.27 -31.36 -4.48
C GLU B 27 -11.17 -30.33 -4.13
N GLN B 28 -10.27 -30.68 -3.19
CA GLN B 28 -9.18 -29.81 -2.78
C GLN B 28 -8.13 -29.67 -3.88
N PHE B 29 -7.72 -30.79 -4.49
CA PHE B 29 -6.72 -30.78 -5.57
C PHE B 29 -7.28 -31.49 -6.79
N TYR B 30 -7.05 -30.90 -7.99
CA TYR B 30 -7.58 -31.48 -9.25
C TYR B 30 -6.97 -32.85 -9.52
N GLN B 31 -7.67 -33.67 -10.30
CA GLN B 31 -7.23 -35.03 -10.63
C GLN B 31 -6.00 -34.99 -11.54
N GLY B 32 -4.96 -35.75 -11.18
CA GLY B 32 -3.74 -35.81 -11.97
C GLY B 32 -2.65 -34.84 -11.57
N LEU B 33 -2.81 -34.14 -10.43
CA LEU B 33 -1.79 -33.20 -9.94
C LEU B 33 -0.53 -34.01 -9.55
N TRP B 34 -0.74 -35.15 -8.87
CA TRP B 34 0.31 -36.11 -8.49
C TRP B 34 0.11 -37.42 -9.26
N SER B 35 1.14 -38.28 -9.29
CA SER B 35 1.08 -39.59 -9.98
C SER B 35 0.82 -40.76 -9.01
N ASN B 36 1.05 -40.57 -7.69
CA ASN B 36 0.87 -41.64 -6.71
C ASN B 36 0.60 -41.07 -5.31
N GLU B 37 0.20 -41.93 -4.36
CA GLU B 37 -0.12 -41.49 -2.98
C GLU B 37 1.12 -40.88 -2.26
N ALA B 38 2.33 -41.45 -2.45
CA ALA B 38 3.54 -40.97 -1.76
C ALA B 38 3.88 -39.53 -2.17
N GLU B 39 3.74 -39.20 -3.46
CA GLU B 39 3.97 -37.82 -3.94
C GLU B 39 3.00 -36.85 -3.27
N GLU B 40 1.70 -37.20 -3.25
CA GLU B 40 0.66 -36.36 -2.63
C GLU B 40 0.92 -36.19 -1.14
N LYS B 41 1.26 -37.29 -0.43
CA LYS B 41 1.56 -37.29 1.00
C LYS B 41 2.71 -36.32 1.31
N ALA B 42 3.83 -36.41 0.53
CA ALA B 42 5.00 -35.56 0.70
C ALA B 42 4.68 -34.07 0.45
N SER B 43 3.79 -33.78 -0.52
CA SER B 43 3.34 -32.41 -0.79
C SER B 43 2.50 -31.88 0.36
N ARG B 44 1.61 -32.73 0.90
CA ARG B 44 0.74 -32.33 2.02
C ARG B 44 1.55 -32.05 3.28
N GLU B 45 2.70 -32.71 3.48
CA GLU B 45 3.57 -32.44 4.62
C GLU B 45 4.27 -31.10 4.43
N LEU B 46 4.70 -30.78 3.20
CA LEU B 46 5.30 -29.47 2.89
C LEU B 46 4.26 -28.36 3.02
N LEU B 47 2.98 -28.64 2.71
CA LEU B 47 1.89 -27.67 2.82
C LEU B 47 1.55 -27.37 4.30
N LYS B 48 1.79 -28.31 5.24
CA LYS B 48 1.55 -28.07 6.68
C LYS B 48 2.52 -27.03 7.27
N ILE B 49 3.72 -26.85 6.65
CA ILE B 49 4.71 -25.87 7.14
C ILE B 49 4.12 -24.47 6.92
N THR B 50 4.08 -23.66 7.98
CA THR B 50 3.48 -22.32 7.99
C THR B 50 3.97 -21.41 6.86
N GLU B 51 5.29 -21.27 6.71
CA GLU B 51 5.91 -20.39 5.72
C GLU B 51 5.78 -20.88 4.26
N ASN B 52 5.42 -22.15 4.01
CA ASN B 52 5.30 -22.67 2.64
C ASN B 52 3.93 -22.37 2.00
N PHE B 53 3.94 -22.15 0.68
CA PHE B 53 2.76 -21.85 -0.15
C PHE B 53 2.00 -20.62 0.37
N THR B 54 2.74 -19.52 0.56
CA THR B 54 2.18 -18.26 1.02
C THR B 54 2.15 -17.25 -0.13
N LEU B 55 1.29 -16.25 -0.01
CA LEU B 55 1.13 -15.17 -1.00
C LEU B 55 0.90 -13.86 -0.25
N ASN B 56 1.63 -12.81 -0.65
CA ASN B 56 1.53 -11.52 0.01
C ASN B 56 1.40 -10.40 -1.01
N PHE B 57 0.42 -9.54 -0.81
CA PHE B 57 0.22 -8.33 -1.61
C PHE B 57 0.80 -7.21 -0.78
N ASN B 58 1.90 -6.61 -1.23
CA ASN B 58 2.57 -5.55 -0.45
C ASN B 58 2.80 -4.31 -1.26
N CYS B 59 3.00 -3.21 -0.53
CA CYS B 59 3.36 -1.92 -1.09
C CYS B 59 4.83 -1.70 -0.77
N ALA B 60 5.62 -1.31 -1.76
CA ALA B 60 7.07 -1.12 -1.60
C ALA B 60 7.56 0.08 -2.39
N ASP B 61 8.67 0.68 -1.92
CA ASP B 61 9.28 1.84 -2.56
C ASP B 61 10.21 1.37 -3.68
N VAL B 62 9.67 1.27 -4.90
CA VAL B 62 10.36 0.82 -6.11
C VAL B 62 10.63 2.00 -7.04
N ASN B 63 11.91 2.37 -7.26
CA ASN B 63 12.31 3.42 -8.21
C ASN B 63 11.76 4.81 -7.78
N GLY B 64 11.96 5.16 -6.51
CA GLY B 64 11.52 6.44 -5.96
C GLY B 64 10.01 6.68 -5.94
N GLU B 65 9.22 5.61 -5.89
CA GLU B 65 7.76 5.72 -5.84
C GLU B 65 7.21 4.43 -5.24
N VAL B 66 6.10 4.52 -4.50
CA VAL B 66 5.50 3.38 -3.83
C VAL B 66 4.52 2.67 -4.78
N THR B 67 4.71 1.36 -4.99
CA THR B 67 3.83 0.55 -5.86
C THR B 67 3.41 -0.74 -5.16
N GLY B 68 2.23 -1.23 -5.52
CA GLY B 68 1.71 -2.50 -5.03
C GLY B 68 2.27 -3.64 -5.87
N THR B 69 2.83 -4.67 -5.22
CA THR B 69 3.42 -5.82 -5.90
C THR B 69 2.98 -7.11 -5.24
N VAL B 70 3.33 -8.24 -5.85
CA VAL B 70 3.01 -9.57 -5.32
C VAL B 70 4.30 -10.29 -4.98
N SER B 71 4.30 -10.95 -3.83
CA SER B 71 5.38 -11.81 -3.37
C SER B 71 4.77 -13.15 -2.99
N ALA B 72 5.48 -14.24 -3.24
CA ALA B 72 4.98 -15.57 -2.88
C ALA B 72 6.13 -16.49 -2.60
N HIS B 73 5.88 -17.46 -1.74
CA HIS B 73 6.86 -18.47 -1.39
C HIS B 73 6.20 -19.81 -1.51
N ALA B 74 6.76 -20.71 -2.34
CA ALA B 74 6.26 -22.07 -2.49
C ALA B 74 7.01 -22.95 -1.48
N VAL B 75 8.12 -23.61 -1.87
CA VAL B 75 8.91 -24.43 -0.95
C VAL B 75 10.36 -23.96 -1.06
N LYS B 76 11.03 -24.25 -2.18
CA LYS B 76 12.41 -23.81 -2.45
C LYS B 76 12.44 -22.55 -3.34
N ALA B 77 11.33 -22.19 -4.02
CA ALA B 77 11.31 -21.04 -4.92
C ALA B 77 10.49 -19.87 -4.35
N ASN B 78 10.88 -18.66 -4.75
CA ASN B 78 10.23 -17.41 -4.34
C ASN B 78 9.86 -16.54 -5.53
N ILE B 79 8.79 -15.78 -5.37
CA ILE B 79 8.37 -14.72 -6.27
C ILE B 79 8.56 -13.45 -5.44
N SER B 80 9.42 -12.52 -5.87
CA SER B 80 9.73 -11.31 -5.10
C SER B 80 9.37 -10.04 -5.88
N ASP B 81 8.41 -9.28 -5.34
CA ASP B 81 7.94 -8.01 -5.90
C ASP B 81 7.59 -8.13 -7.40
N ALA B 82 6.78 -9.16 -7.75
CA ALA B 82 6.33 -9.33 -9.14
C ALA B 82 5.42 -8.14 -9.51
N ILE B 83 5.46 -7.72 -10.79
CA ILE B 83 4.66 -6.59 -11.26
C ILE B 83 3.19 -7.01 -11.23
N LEU B 84 2.36 -6.22 -10.54
CA LEU B 84 0.94 -6.51 -10.36
C LEU B 84 0.04 -5.51 -11.08
N LYS B 85 -0.98 -6.04 -11.76
CA LYS B 85 -2.08 -5.29 -12.37
C LYS B 85 -3.32 -5.85 -11.70
N ILE B 86 -4.16 -5.01 -11.10
CA ILE B 86 -5.36 -5.49 -10.42
C ILE B 86 -6.45 -4.44 -10.54
N ASP B 87 -7.68 -4.85 -10.87
CA ASP B 87 -8.80 -3.93 -11.02
C ASP B 87 -9.97 -4.39 -10.16
N GLY B 88 -10.35 -3.58 -9.18
CA GLY B 88 -11.45 -3.88 -8.26
C GLY B 88 -12.83 -3.86 -8.89
N LYS B 89 -13.00 -3.12 -10.00
CA LYS B 89 -14.29 -3.01 -10.70
C LYS B 89 -14.54 -4.27 -11.53
N GLU B 90 -13.57 -4.62 -12.39
CA GLU B 90 -13.67 -5.78 -13.28
C GLU B 90 -13.20 -7.08 -12.61
N HIS B 91 -12.62 -7.00 -11.40
CA HIS B 91 -12.09 -8.15 -10.66
C HIS B 91 -11.05 -8.93 -11.50
N THR B 92 -10.20 -8.20 -12.24
CA THR B 92 -9.15 -8.78 -13.06
C THR B 92 -7.84 -8.69 -12.29
N ILE B 93 -6.87 -9.53 -12.65
CA ILE B 93 -5.56 -9.55 -12.00
C ILE B 93 -4.54 -10.13 -12.94
N SER B 94 -3.32 -9.60 -12.93
CA SER B 94 -2.22 -10.12 -13.74
C SER B 94 -0.92 -10.00 -12.91
N ILE B 95 -0.13 -11.08 -12.85
CA ILE B 95 1.15 -11.14 -12.12
C ILE B 95 2.22 -11.44 -13.16
N SER B 96 3.24 -10.57 -13.26
CA SER B 96 4.31 -10.72 -14.25
C SER B 96 5.69 -10.76 -13.58
N GLY B 97 6.56 -11.60 -14.12
CA GLY B 97 7.93 -11.76 -13.62
C GLY B 97 8.39 -13.20 -13.72
N LYS B 98 9.41 -13.53 -12.93
CA LYS B 98 9.96 -14.90 -12.90
C LYS B 98 10.31 -15.28 -11.47
N ALA B 99 10.18 -16.57 -11.16
CA ALA B 99 10.48 -17.07 -9.82
C ALA B 99 11.99 -17.22 -9.65
N TYR B 100 12.47 -17.08 -8.41
CA TYR B 100 13.88 -17.28 -8.06
C TYR B 100 13.96 -18.66 -7.43
N GLY B 101 14.79 -19.53 -7.98
CA GLY B 101 14.95 -20.89 -7.49
C GLY B 101 14.08 -21.87 -8.25
N SER B 102 14.43 -23.14 -8.17
CA SER B 102 13.75 -24.22 -8.87
C SER B 102 12.98 -25.11 -7.90
N GLU B 103 11.88 -25.71 -8.35
CA GLU B 103 11.08 -26.62 -7.54
C GLU B 103 11.15 -28.06 -8.03
N SER B 104 11.18 -29.03 -7.10
CA SER B 104 11.10 -30.45 -7.41
C SER B 104 9.68 -30.98 -7.09
N ASP B 105 9.03 -30.43 -6.06
CA ASP B 105 7.69 -30.85 -5.64
C ASP B 105 6.64 -30.43 -6.67
N LYS B 106 5.75 -31.36 -7.07
CA LYS B 106 4.72 -31.09 -8.08
C LYS B 106 3.73 -30.02 -7.64
N LEU B 107 3.33 -29.98 -6.34
CA LEU B 107 2.42 -28.94 -5.87
C LEU B 107 3.09 -27.57 -5.97
N ALA B 108 4.39 -27.49 -5.62
CA ALA B 108 5.16 -26.24 -5.70
C ALA B 108 5.33 -25.77 -7.15
N LYS B 109 5.53 -26.71 -8.11
CA LYS B 109 5.64 -26.35 -9.53
C LYS B 109 4.33 -25.77 -10.05
N VAL B 110 3.19 -26.39 -9.68
CA VAL B 110 1.85 -25.95 -10.08
C VAL B 110 1.55 -24.56 -9.47
N PHE B 111 1.89 -24.38 -8.19
CA PHE B 111 1.67 -23.11 -7.47
C PHE B 111 2.39 -21.94 -8.15
N ILE B 112 3.70 -22.10 -8.44
CA ILE B 112 4.52 -21.05 -9.05
C ILE B 112 4.05 -20.75 -10.48
N SER B 113 3.83 -21.78 -11.32
CA SER B 113 3.36 -21.58 -12.70
C SER B 113 1.98 -20.92 -12.75
N GLY B 114 1.09 -21.38 -11.89
CA GLY B 114 -0.27 -20.89 -11.83
C GLY B 114 -0.37 -19.42 -11.46
N LEU B 115 0.50 -18.94 -10.56
CA LEU B 115 0.48 -17.53 -10.14
C LEU B 115 0.80 -16.59 -11.30
N PHE B 116 1.73 -16.95 -12.18
CA PHE B 116 2.04 -16.09 -13.33
C PHE B 116 0.98 -16.16 -14.44
N ASN B 117 0.03 -17.13 -14.37
CA ASN B 117 -1.04 -17.29 -15.35
C ASN B 117 -2.39 -16.83 -14.79
N VAL B 118 -2.44 -16.12 -13.65
CA VAL B 118 -3.73 -15.61 -13.13
C VAL B 118 -4.29 -14.56 -14.10
N PHE B 119 -5.62 -14.52 -14.24
CA PHE B 119 -6.28 -13.52 -15.10
C PHE B 119 -7.44 -12.80 -14.38
N LYS B 120 -8.11 -13.44 -13.40
CA LYS B 120 -9.20 -12.81 -12.63
C LYS B 120 -9.26 -13.41 -11.23
N TYR B 121 -10.04 -12.78 -10.34
CA TYR B 121 -10.15 -13.23 -8.95
C TYR B 121 -11.48 -12.87 -8.31
N GLU B 122 -11.66 -13.36 -7.09
CA GLU B 122 -12.77 -13.02 -6.22
C GLU B 122 -12.31 -13.29 -4.78
N GLY B 123 -12.86 -12.56 -3.83
CA GLY B 123 -12.47 -12.73 -2.43
C GLY B 123 -13.15 -11.80 -1.45
N ASP B 124 -12.95 -12.09 -0.16
CA ASP B 124 -13.48 -11.32 0.94
C ASP B 124 -12.34 -11.12 1.96
N VAL B 125 -12.65 -10.80 3.23
CA VAL B 125 -11.65 -10.52 4.27
C VAL B 125 -10.77 -11.76 4.53
N HIS B 126 -11.37 -12.95 4.59
CA HIS B 126 -10.65 -14.18 4.95
C HIS B 126 -10.37 -15.12 3.78
N ASN B 127 -11.04 -14.96 2.61
CA ASN B 127 -10.83 -15.88 1.48
C ASN B 127 -10.44 -15.14 0.20
N LEU B 128 -9.59 -15.78 -0.62
CA LEU B 128 -9.14 -15.26 -1.91
C LEU B 128 -9.09 -16.41 -2.90
N THR B 129 -9.71 -16.23 -4.06
CA THR B 129 -9.74 -17.22 -5.14
C THR B 129 -9.13 -16.60 -6.37
N LEU B 130 -8.06 -17.21 -6.91
CA LEU B 130 -7.40 -16.73 -8.13
C LEU B 130 -7.66 -17.70 -9.26
N TYR B 131 -8.17 -17.18 -10.38
CA TYR B 131 -8.44 -17.96 -11.58
C TYR B 131 -7.23 -17.87 -12.48
N PHE B 132 -6.73 -19.01 -12.97
CA PHE B 132 -5.57 -19.02 -13.86
C PHE B 132 -5.77 -19.98 -15.00
N LYS B 133 -5.11 -19.72 -16.14
CA LYS B 133 -5.23 -20.60 -17.30
CA LYS B 133 -5.22 -20.59 -17.31
C LYS B 133 -4.07 -21.60 -17.31
N ASP B 134 -4.40 -22.90 -17.46
CA ASP B 134 -3.45 -24.01 -17.53
C ASP B 134 -3.68 -24.67 -18.89
N GLY B 135 -3.05 -24.12 -19.92
CA GLY B 135 -3.24 -24.57 -21.28
C GLY B 135 -4.59 -24.11 -21.78
N ASN B 136 -5.44 -25.05 -22.22
CA ASN B 136 -6.81 -24.75 -22.69
C ASN B 136 -7.83 -24.75 -21.53
N THR B 137 -7.41 -25.11 -20.28
CA THR B 137 -8.31 -25.17 -19.13
C THR B 137 -8.17 -23.95 -18.23
N THR B 138 -9.13 -23.80 -17.31
CA THR B 138 -9.17 -22.75 -16.31
C THR B 138 -9.26 -23.41 -14.94
N LYS B 139 -8.27 -23.18 -14.08
CA LYS B 139 -8.22 -23.75 -12.73
C LYS B 139 -8.28 -22.62 -11.72
N VAL B 140 -8.42 -22.97 -10.43
CA VAL B 140 -8.50 -21.98 -9.37
C VAL B 140 -7.59 -22.35 -8.22
N MSE B 141 -6.90 -21.34 -7.66
CA MSE B 141 -6.08 -21.46 -6.47
C MSE B 141 -6.83 -20.77 -5.35
O MSE B 141 -7.11 -19.58 -5.48
CB MSE B 141 -4.73 -20.79 -6.65
CG MSE B 141 -3.69 -21.59 -7.39
SE MSE B 141 -2.04 -20.56 -7.44
CE MSE B 141 -2.55 -19.41 -8.84
N GLY B 142 -7.18 -21.49 -4.29
CA GLY B 142 -7.88 -20.91 -3.15
C GLY B 142 -6.90 -20.59 -2.04
N PHE B 143 -7.12 -19.47 -1.34
CA PHE B 143 -6.28 -19.06 -0.22
C PHE B 143 -7.13 -18.65 0.97
N THR B 144 -6.53 -18.69 2.18
CA THR B 144 -7.16 -18.24 3.42
C THR B 144 -6.20 -17.29 4.17
N ALA B 145 -6.76 -16.31 4.89
CA ALA B 145 -6.00 -15.35 5.70
C ALA B 145 -6.59 -15.36 7.10
N ARG B 146 -5.76 -15.57 8.14
CA ARG B 146 -6.26 -15.60 9.52
C ARG B 146 -6.55 -14.17 10.01
#